data_5EYW
#
_entry.id   5EYW
#
_cell.length_a   38.140
_cell.length_b   45.980
_cell.length_c   71.850
_cell.angle_alpha   74.56
_cell.angle_beta   80.24
_cell.angle_gamma   75.17
#
_symmetry.space_group_name_H-M   'P 1'
#
loop_
_entity.id
_entity.type
_entity.pdbx_description
1 polymer 'Triosephosphate isomerase'
2 non-polymer '2-PHOSPHOGLYCOLIC ACID'
3 water water
#
_entity_poly.entity_id   1
_entity_poly.type   'polypeptide(L)'
_entity_poly.pdbx_seq_one_letter_code
;MASPRKFFVGGNWKMNGDKAAIDGIISFMKTGPLSPNTEVVVGCPQCYLMYTREHMPANIGIAAQNCYKVAKGAFTGEIS
PAMVKDCGCEWVILGHSERRNVFGEPDQLISEKVGHALEAGLKVIPCIGEKLEDREGNRTQEVVFAQMKALLPNISDWSR
VVLAYEPVWAIGTGKTASPEQAQEVHADLRQWLRDNVNAEVAESTRIIYGGSVSAGNCQELAKKGDIDGFLVGGAALKPD
FVQIINARG
;
_entity_poly.pdbx_strand_id   A,B
#
loop_
_chem_comp.id
_chem_comp.type
_chem_comp.name
_chem_comp.formula
PGA non-polymer '2-PHOSPHOGLYCOLIC ACID' 'C2 H5 O6 P'
#
# COMPACT_ATOMS: atom_id res chain seq x y z
N ARG A 5 17.80 13.92 -24.65
CA ARG A 5 16.96 13.37 -23.59
C ARG A 5 15.67 14.16 -23.42
N LYS A 6 14.52 13.50 -23.59
CA LYS A 6 13.26 14.22 -23.50
C LYS A 6 13.02 14.68 -22.06
N PHE A 7 12.59 15.94 -21.90
CA PHE A 7 12.36 16.50 -20.59
C PHE A 7 11.24 15.70 -19.92
N PHE A 8 11.40 15.40 -18.64
CA PHE A 8 10.50 14.50 -17.92
C PHE A 8 10.06 15.08 -16.59
N VAL A 9 8.75 15.23 -16.40
CA VAL A 9 8.22 15.72 -15.13
C VAL A 9 7.20 14.76 -14.53
N GLY A 10 7.51 14.28 -13.33
CA GLY A 10 6.56 13.47 -12.59
C GLY A 10 5.91 14.26 -11.48
N GLY A 11 4.62 14.02 -11.27
CA GLY A 11 3.91 14.64 -10.16
C GLY A 11 3.50 13.57 -9.16
N ASN A 12 4.16 13.55 -8.01
CA ASN A 12 3.85 12.58 -6.98
C ASN A 12 2.78 13.12 -6.05
N TRP A 13 1.54 12.63 -6.19
CA TRP A 13 0.45 13.08 -5.34
C TRP A 13 0.53 12.52 -3.92
N LYS A 14 1.48 11.61 -3.70
CA LYS A 14 1.55 10.87 -2.42
C LYS A 14 0.16 10.54 -1.87
N MET A 15 -0.03 10.63 -0.55
CA MET A 15 -1.32 10.26 0.01
C MET A 15 -2.30 11.45 -0.02
N ASN A 16 -2.66 11.85 -1.24
CA ASN A 16 -3.58 12.95 -1.47
C ASN A 16 -4.47 12.63 -2.65
N GLY A 17 -5.77 12.88 -2.48
CA GLY A 17 -6.71 12.76 -3.57
C GLY A 17 -8.02 12.09 -3.16
N ASP A 18 -9.10 12.46 -3.86
CA ASP A 18 -10.29 11.62 -3.96
C ASP A 18 -10.78 11.82 -5.39
N LYS A 19 -11.88 11.20 -5.77
CA LYS A 19 -12.33 11.31 -7.17
C LYS A 19 -12.45 12.78 -7.61
N ALA A 20 -13.11 13.58 -6.78
CA ALA A 20 -13.32 14.99 -7.09
C ALA A 20 -12.03 15.80 -7.22
N ALA A 21 -11.07 15.55 -6.34
CA ALA A 21 -9.81 16.31 -6.41
C ALA A 21 -9.01 15.88 -7.62
N ILE A 22 -9.06 14.59 -7.93
CA ILE A 22 -8.37 14.07 -9.09
C ILE A 22 -8.99 14.64 -10.37
N ASP A 23 -10.32 14.71 -10.43
CA ASP A 23 -10.97 15.38 -11.56
C ASP A 23 -10.41 16.81 -11.72
N GLY A 24 -10.17 17.48 -10.59
CA GLY A 24 -9.70 18.86 -10.59
C GLY A 24 -8.30 19.01 -11.17
N ILE A 25 -7.40 18.10 -10.78
CA ILE A 25 -6.05 18.11 -11.33
C ILE A 25 -6.10 17.81 -12.82
N ILE A 26 -6.91 16.81 -13.18
CA ILE A 26 -7.08 16.43 -14.57
C ILE A 26 -7.56 17.63 -15.38
N SER A 27 -8.50 18.39 -14.82
CA SER A 27 -9.07 19.54 -15.52
C SER A 27 -8.01 20.59 -15.82
N PHE A 28 -7.15 20.89 -14.84
CA PHE A 28 -6.15 21.94 -15.09
C PHE A 28 -4.97 21.43 -15.91
N MET A 29 -4.73 20.12 -15.89
CA MET A 29 -3.69 19.54 -16.72
C MET A 29 -4.14 19.46 -18.18
N LYS A 30 -5.43 19.24 -18.38
CA LYS A 30 -6.02 19.28 -19.73
C LYS A 30 -5.85 20.65 -20.36
N THR A 31 -6.42 21.65 -19.71
CA THR A 31 -6.31 23.05 -20.15
C THR A 31 -4.85 23.47 -20.36
N GLY A 32 -3.96 23.02 -19.47
CA GLY A 32 -2.56 23.36 -19.59
C GLY A 32 -2.32 24.85 -19.72
N PRO A 33 -1.66 25.27 -20.82
CA PRO A 33 -1.20 24.41 -21.91
C PRO A 33 0.11 23.70 -21.58
N LEU A 34 0.15 22.39 -21.83
CA LEU A 34 1.32 21.58 -21.49
C LEU A 34 2.24 21.49 -22.68
N SER A 35 3.52 21.82 -22.47
CA SER A 35 4.51 21.66 -23.52
C SER A 35 4.48 20.24 -24.10
N PRO A 36 4.44 20.12 -25.43
CA PRO A 36 4.42 18.77 -25.99
C PRO A 36 5.79 18.08 -25.93
N ASN A 37 6.83 18.82 -25.52
CA ASN A 37 8.17 18.25 -25.38
C ASN A 37 8.46 17.73 -23.97
N THR A 38 7.47 17.81 -23.08
CA THR A 38 7.63 17.23 -21.76
C THR A 38 6.88 15.91 -21.63
N GLU A 39 7.61 14.87 -21.22
CA GLU A 39 6.99 13.57 -20.90
C GLU A 39 6.48 13.63 -19.47
N VAL A 40 5.19 13.46 -19.28
CA VAL A 40 4.55 13.74 -18.00
C VAL A 40 3.93 12.47 -17.43
N VAL A 41 4.17 12.22 -16.16
CA VAL A 41 3.53 11.10 -15.49
C VAL A 41 3.05 11.59 -14.13
N VAL A 42 1.93 11.06 -13.67
CA VAL A 42 1.44 11.37 -12.33
C VAL A 42 1.32 10.10 -11.51
N GLY A 43 1.79 10.17 -10.27
CA GLY A 43 1.71 9.07 -9.33
C GLY A 43 0.57 9.24 -8.34
N CYS A 44 -0.49 8.46 -8.54
CA CYS A 44 -1.70 8.59 -7.74
C CYS A 44 -1.73 7.57 -6.63
N PRO A 45 -2.59 7.77 -5.63
CA PRO A 45 -2.66 6.76 -4.56
C PRO A 45 -3.01 5.36 -5.10
N GLN A 46 -2.60 4.34 -4.36
CA GLN A 46 -2.72 2.95 -4.79
C GLN A 46 -4.13 2.62 -5.26
N CYS A 47 -5.14 3.26 -4.66
CA CYS A 47 -6.54 2.90 -4.92
C CYS A 47 -7.18 3.67 -6.07
N TYR A 48 -6.40 4.54 -6.71
CA TYR A 48 -6.91 5.35 -7.82
C TYR A 48 -6.22 5.11 -9.18
N LEU A 49 -5.45 4.03 -9.28
CA LEU A 49 -4.77 3.71 -10.54
C LEU A 49 -5.76 3.63 -11.70
N MET A 50 -6.71 2.70 -11.58
CA MET A 50 -7.72 2.52 -12.62
C MET A 50 -8.49 3.81 -12.90
N TYR A 51 -9.02 4.46 -11.87
CA TYR A 51 -9.81 5.67 -12.05
C TYR A 51 -9.03 6.76 -12.77
N THR A 52 -7.81 7.03 -12.29
CA THR A 52 -6.99 8.07 -12.87
C THR A 52 -6.60 7.75 -14.32
N ARG A 53 -6.32 6.48 -14.60
CA ARG A 53 -6.02 6.09 -15.99
C ARG A 53 -7.23 6.30 -16.89
N GLU A 54 -8.41 6.04 -16.35
CA GLU A 54 -9.61 6.20 -17.21
C GLU A 54 -9.90 7.64 -17.56
N HIS A 55 -9.72 8.50 -16.58
CA HIS A 55 -10.03 9.91 -16.70
C HIS A 55 -8.95 10.88 -17.26
N MET A 56 -7.71 10.47 -17.09
CA MET A 56 -6.58 11.29 -17.52
C MET A 56 -6.31 11.01 -18.99
N PRO A 57 -6.08 12.08 -19.79
CA PRO A 57 -5.71 11.97 -21.20
C PRO A 57 -4.60 10.95 -21.43
N ALA A 58 -4.71 10.14 -22.48
CA ALA A 58 -3.78 9.05 -22.72
C ALA A 58 -2.32 9.50 -22.90
N ASN A 59 -2.12 10.78 -23.17
CA ASN A 59 -0.77 11.31 -23.37
C ASN A 59 0.03 11.43 -22.07
N ILE A 60 -0.69 11.44 -20.95
CA ILE A 60 -0.08 11.52 -19.63
C ILE A 60 -0.04 10.10 -19.08
N GLY A 61 1.15 9.66 -18.65
CA GLY A 61 1.29 8.32 -18.08
C GLY A 61 0.91 8.30 -16.61
N ILE A 62 0.54 7.12 -16.11
CA ILE A 62 0.14 6.99 -14.71
C ILE A 62 1.06 6.05 -13.98
N ALA A 63 1.50 6.44 -12.78
CA ALA A 63 2.40 5.64 -11.95
C ALA A 63 1.76 5.20 -10.64
N ALA A 64 1.93 3.92 -10.30
CA ALA A 64 1.68 3.51 -8.91
C ALA A 64 2.77 4.15 -8.04
N GLN A 65 2.48 4.31 -6.75
CA GLN A 65 3.45 4.91 -5.82
C GLN A 65 4.25 3.86 -5.04
N ASN A 66 3.96 2.59 -5.29
CA ASN A 66 4.72 1.53 -4.67
C ASN A 66 4.23 0.24 -5.26
N CYS A 67 5.02 -0.81 -5.12
CA CYS A 67 4.59 -2.16 -5.51
C CYS A 67 5.49 -3.19 -4.84
N TYR A 68 5.10 -4.47 -4.88
CA TYR A 68 5.92 -5.49 -4.23
C TYR A 68 6.81 -6.22 -5.24
N LYS A 69 7.55 -7.25 -4.81
CA LYS A 69 8.63 -7.80 -5.64
C LYS A 69 8.30 -9.16 -6.27
N VAL A 70 7.05 -9.60 -6.09
CA VAL A 70 6.56 -10.78 -6.79
C VAL A 70 5.17 -10.52 -7.38
N ALA A 71 4.74 -11.35 -8.33
CA ALA A 71 3.49 -11.09 -9.05
C ALA A 71 2.23 -11.29 -8.20
N LYS A 72 2.32 -12.19 -7.22
CA LYS A 72 1.21 -12.46 -6.32
C LYS A 72 1.74 -13.08 -5.04
N GLY A 73 0.91 -13.11 -4.00
CA GLY A 73 1.30 -13.83 -2.80
C GLY A 73 0.74 -13.32 -1.49
N ALA A 74 1.34 -13.79 -0.41
CA ALA A 74 0.81 -13.59 0.93
C ALA A 74 1.30 -12.29 1.51
N PHE A 75 0.88 -11.19 0.88
CA PHE A 75 1.37 -9.88 1.29
C PHE A 75 0.23 -8.91 1.40
N THR A 76 -0.61 -9.13 2.42
CA THR A 76 -1.75 -8.28 2.68
C THR A 76 -1.33 -6.81 2.65
N GLY A 77 -2.00 -6.02 1.83
CA GLY A 77 -1.76 -4.59 1.75
C GLY A 77 -0.86 -4.17 0.60
N GLU A 78 -0.28 -5.14 -0.10
CA GLU A 78 0.61 -4.85 -1.22
C GLU A 78 -0.08 -5.04 -2.57
N ILE A 79 0.48 -4.43 -3.61
CA ILE A 79 0.02 -4.66 -4.98
C ILE A 79 1.23 -5.04 -5.83
N SER A 80 1.02 -5.82 -6.89
CA SER A 80 2.13 -6.26 -7.74
C SER A 80 2.21 -5.47 -9.05
N PRO A 81 3.36 -5.53 -9.73
CA PRO A 81 3.43 -4.92 -11.07
C PRO A 81 2.37 -5.45 -12.03
N ALA A 82 2.07 -6.75 -11.97
CA ALA A 82 1.02 -7.30 -12.83
C ALA A 82 -0.31 -6.57 -12.59
N MET A 83 -0.53 -6.12 -11.36
CA MET A 83 -1.78 -5.44 -11.03
C MET A 83 -1.77 -4.01 -11.57
N VAL A 84 -0.60 -3.36 -11.49
CA VAL A 84 -0.46 -2.01 -12.02
C VAL A 84 -0.76 -2.02 -13.51
N LYS A 85 -0.22 -3.02 -14.21
CA LYS A 85 -0.50 -3.22 -15.63
C LYS A 85 -1.98 -3.50 -15.89
N ASP A 86 -2.58 -4.33 -15.06
CA ASP A 86 -3.98 -4.69 -15.22
C ASP A 86 -4.86 -3.46 -15.04
N CYS A 87 -4.38 -2.50 -14.25
CA CYS A 87 -5.09 -1.26 -14.01
C CYS A 87 -4.84 -0.26 -15.15
N GLY A 88 -4.07 -0.68 -16.16
CA GLY A 88 -3.86 0.12 -17.35
C GLY A 88 -2.75 1.15 -17.27
N CYS A 89 -1.91 1.01 -16.25
CA CYS A 89 -0.90 2.00 -15.92
C CYS A 89 0.47 1.42 -16.23
N GLU A 90 1.41 2.28 -16.59
CA GLU A 90 2.69 1.82 -17.13
C GLU A 90 3.87 2.03 -16.20
N TRP A 91 3.71 2.89 -15.19
CA TRP A 91 4.83 3.33 -14.35
C TRP A 91 4.71 2.94 -12.89
N VAL A 92 5.84 2.85 -12.21
CA VAL A 92 5.86 2.79 -10.75
C VAL A 92 6.99 3.64 -10.18
N ILE A 93 6.70 4.38 -9.11
CA ILE A 93 7.73 5.07 -8.36
C ILE A 93 8.23 4.12 -7.27
N LEU A 94 9.54 3.89 -7.21
CA LEU A 94 10.10 2.97 -6.22
C LEU A 94 11.22 3.56 -5.37
N GLY A 95 11.23 3.18 -4.09
CA GLY A 95 12.27 3.61 -3.17
C GLY A 95 12.17 5.07 -2.82
N HIS A 96 10.97 5.62 -2.91
CA HIS A 96 10.79 7.00 -2.53
C HIS A 96 11.28 7.19 -1.10
N SER A 97 11.82 8.38 -0.83
CA SER A 97 12.29 8.72 0.52
C SER A 97 11.27 8.38 1.60
N GLU A 98 10.00 8.65 1.33
CA GLU A 98 8.98 8.41 2.35
C GLU A 98 8.82 6.91 2.64
N ARG A 99 9.17 6.07 1.68
CA ARG A 99 9.08 4.62 1.91
C ARG A 99 10.35 4.10 2.55
N ARG A 100 11.47 4.76 2.27
CA ARG A 100 12.74 4.36 2.85
C ARG A 100 12.79 4.76 4.33
N ASN A 101 12.18 5.91 4.62
CA ASN A 101 12.41 6.53 5.92
C ASN A 101 11.23 6.41 6.90
N VAL A 102 10.00 6.61 6.42
CA VAL A 102 8.84 6.41 7.30
C VAL A 102 8.57 4.91 7.45
N PHE A 103 8.78 4.16 6.37
CA PHE A 103 8.35 2.76 6.34
C PHE A 103 9.52 1.78 6.27
N GLY A 104 10.73 2.30 6.35
CA GLY A 104 11.91 1.48 6.58
C GLY A 104 12.31 0.53 5.48
N GLU A 105 11.96 0.85 4.23
CA GLU A 105 12.34 -0.02 3.12
C GLU A 105 13.84 0.12 2.81
N PRO A 106 14.59 -0.97 2.94
CA PRO A 106 16.05 -0.94 2.74
C PRO A 106 16.42 -0.98 1.26
N ASP A 107 17.66 -0.62 0.95
CA ASP A 107 18.17 -0.64 -0.41
C ASP A 107 17.95 -1.95 -1.14
N GLN A 108 18.20 -3.06 -0.46
CA GLN A 108 18.04 -4.40 -1.01
C GLN A 108 16.63 -4.65 -1.54
N LEU A 109 15.64 -4.30 -0.73
CA LEU A 109 14.24 -4.50 -1.10
C LEU A 109 13.91 -3.64 -2.31
N ILE A 110 14.40 -2.40 -2.31
CA ILE A 110 14.10 -1.50 -3.40
C ILE A 110 14.64 -2.05 -4.70
N SER A 111 15.88 -2.51 -4.68
CA SER A 111 16.52 -3.12 -5.83
C SER A 111 15.68 -4.28 -6.36
N GLU A 112 15.25 -5.16 -5.45
CA GLU A 112 14.42 -6.29 -5.82
C GLU A 112 13.09 -5.86 -6.45
N LYS A 113 12.46 -4.83 -5.90
CA LYS A 113 11.22 -4.31 -6.48
C LYS A 113 11.46 -3.75 -7.88
N VAL A 114 12.54 -2.98 -8.04
CA VAL A 114 12.88 -2.43 -9.35
C VAL A 114 13.11 -3.55 -10.35
N GLY A 115 13.84 -4.59 -9.92
CA GLY A 115 14.04 -5.75 -10.75
C GLY A 115 12.74 -6.39 -11.19
N HIS A 116 11.82 -6.58 -10.24
CA HIS A 116 10.58 -7.27 -10.59
C HIS A 116 9.65 -6.39 -11.43
N ALA A 117 9.64 -5.09 -11.15
CA ALA A 117 8.83 -4.18 -11.96
C ALA A 117 9.28 -4.17 -13.42
N LEU A 118 10.59 -4.16 -13.65
CA LEU A 118 11.11 -4.20 -15.00
C LEU A 118 10.79 -5.52 -15.69
N GLU A 119 11.02 -6.64 -15.00
CA GLU A 119 10.67 -7.94 -15.52
C GLU A 119 9.20 -7.96 -15.95
N ALA A 120 8.35 -7.33 -15.12
CA ALA A 120 6.91 -7.35 -15.40
C ALA A 120 6.51 -6.43 -16.56
N GLY A 121 7.41 -5.56 -17.01
CA GLY A 121 7.12 -4.72 -18.15
C GLY A 121 6.80 -3.27 -17.84
N LEU A 122 6.91 -2.89 -16.58
CA LEU A 122 6.67 -1.48 -16.22
C LEU A 122 7.86 -0.56 -16.52
N LYS A 123 7.60 0.73 -16.54
CA LYS A 123 8.67 1.72 -16.51
C LYS A 123 8.82 2.16 -15.07
N VAL A 124 10.05 2.42 -14.63
CA VAL A 124 10.31 2.65 -13.21
C VAL A 124 11.03 3.98 -12.96
N ILE A 125 10.69 4.63 -11.85
CA ILE A 125 11.39 5.83 -11.39
C ILE A 125 11.99 5.43 -10.06
N PRO A 126 13.23 4.93 -10.08
CA PRO A 126 13.86 4.58 -8.81
C PRO A 126 14.30 5.88 -8.16
N CYS A 127 14.09 6.04 -6.86
CA CYS A 127 14.44 7.26 -6.15
C CYS A 127 15.69 7.07 -5.30
N ILE A 128 16.60 8.04 -5.36
CA ILE A 128 17.79 8.00 -4.51
C ILE A 128 17.99 9.34 -3.84
N GLY A 129 18.96 9.45 -2.94
CA GLY A 129 19.21 10.73 -2.28
C GLY A 129 19.77 10.65 -0.88
N GLU A 130 20.61 11.62 -0.53
CA GLU A 130 21.32 11.65 0.77
C GLU A 130 20.55 12.41 1.84
N LYS A 131 20.89 12.16 3.11
CA LYS A 131 20.25 12.84 4.23
C LYS A 131 21.03 14.10 4.60
N LEU A 132 20.44 14.92 5.47
CA LEU A 132 21.06 16.17 5.88
C LEU A 132 22.43 15.90 6.46
N GLU A 133 22.53 14.86 7.28
CA GLU A 133 23.81 14.53 7.91
C GLU A 133 24.84 14.11 6.88
N ASP A 134 24.41 13.43 5.81
CA ASP A 134 25.32 13.05 4.75
C ASP A 134 25.84 14.30 4.03
N ARG A 135 24.91 15.18 3.67
CA ARG A 135 25.23 16.42 2.97
C ARG A 135 26.25 17.24 3.77
N GLU A 136 25.99 17.39 5.06
CA GLU A 136 26.86 18.22 5.89
C GLU A 136 28.19 17.53 6.20
N GLY A 137 28.24 16.22 6.00
CA GLY A 137 29.44 15.44 6.26
C GLY A 137 30.23 15.20 4.99
N ASN A 138 29.90 15.94 3.94
CA ASN A 138 30.59 15.80 2.67
C ASN A 138 30.67 14.34 2.22
N ARG A 139 29.60 13.58 2.43
CA ARG A 139 29.59 12.21 1.90
C ARG A 139 28.43 12.01 0.94
N THR A 140 27.93 13.09 0.38
CA THR A 140 26.80 13.02 -0.55
C THR A 140 27.10 12.07 -1.69
N GLN A 141 28.23 12.25 -2.34
CA GLN A 141 28.55 11.41 -3.49
C GLN A 141 28.63 9.93 -3.12
N GLU A 142 29.31 9.60 -2.02
CA GLU A 142 29.47 8.20 -1.68
C GLU A 142 28.12 7.55 -1.35
N VAL A 143 27.25 8.31 -0.69
CA VAL A 143 25.94 7.80 -0.34
C VAL A 143 25.08 7.49 -1.56
N VAL A 144 25.00 8.42 -2.51
CA VAL A 144 24.17 8.19 -3.71
C VAL A 144 24.78 7.16 -4.68
N PHE A 145 26.11 7.10 -4.72
CA PHE A 145 26.78 6.09 -5.51
C PHE A 145 26.49 4.69 -4.96
N ALA A 146 26.37 4.60 -3.64
CA ALA A 146 26.10 3.32 -3.00
C ALA A 146 24.68 2.89 -3.29
N GLN A 147 23.75 3.86 -3.27
CA GLN A 147 22.37 3.56 -3.62
C GLN A 147 22.29 3.10 -5.07
N MET A 148 23.03 3.76 -5.95
CA MET A 148 23.10 3.31 -7.34
C MET A 148 23.68 1.91 -7.49
N LYS A 149 24.75 1.61 -6.77
CA LYS A 149 25.35 0.27 -6.82
C LYS A 149 24.37 -0.80 -6.34
N ALA A 150 23.59 -0.47 -5.32
CA ALA A 150 22.60 -1.40 -4.81
C ALA A 150 21.50 -1.70 -5.83
N LEU A 151 21.18 -0.73 -6.67
CA LEU A 151 20.14 -0.89 -7.69
C LEU A 151 20.67 -1.60 -8.93
N LEU A 152 21.96 -1.41 -9.22
CA LEU A 152 22.52 -1.84 -10.50
C LEU A 152 22.17 -3.27 -10.90
N PRO A 153 22.42 -4.24 -10.00
CA PRO A 153 22.21 -5.63 -10.42
C PRO A 153 20.79 -5.90 -10.91
N ASN A 154 19.82 -5.07 -10.54
CA ASN A 154 18.43 -5.28 -10.95
C ASN A 154 17.89 -4.35 -12.02
N ILE A 155 18.75 -3.48 -12.55
CA ILE A 155 18.30 -2.59 -13.63
C ILE A 155 18.55 -3.26 -14.97
N SER A 156 17.54 -3.99 -15.42
CA SER A 156 17.64 -4.94 -16.53
C SER A 156 17.19 -4.33 -17.85
N ASP A 157 16.82 -3.05 -17.82
CA ASP A 157 16.47 -2.33 -19.04
C ASP A 157 16.51 -0.83 -18.80
N TRP A 158 17.65 -0.22 -19.09
CA TRP A 158 17.84 1.20 -18.82
C TRP A 158 16.88 2.08 -19.61
N SER A 159 16.39 1.59 -20.74
CA SER A 159 15.47 2.38 -21.56
C SER A 159 14.14 2.63 -20.86
N ARG A 160 13.88 1.87 -19.81
CA ARG A 160 12.61 2.01 -19.09
C ARG A 160 12.84 2.55 -17.69
N VAL A 161 13.97 3.20 -17.49
CA VAL A 161 14.29 3.81 -16.20
C VAL A 161 14.42 5.33 -16.33
N VAL A 162 13.89 6.04 -15.34
CA VAL A 162 14.16 7.48 -15.16
C VAL A 162 14.58 7.63 -13.70
N LEU A 163 15.81 8.09 -13.46
CA LEU A 163 16.35 8.16 -12.11
C LEU A 163 15.94 9.47 -11.46
N ALA A 164 15.40 9.40 -10.25
CA ALA A 164 15.08 10.63 -9.52
C ALA A 164 16.05 10.86 -8.37
N TYR A 165 16.74 12.01 -8.39
CA TYR A 165 17.60 12.42 -7.29
C TYR A 165 16.86 13.39 -6.39
N GLU A 166 16.66 13.00 -5.14
CA GLU A 166 15.93 13.82 -4.16
C GLU A 166 16.66 13.85 -2.82
N PRO A 167 17.37 14.96 -2.55
CA PRO A 167 17.98 15.17 -1.23
C PRO A 167 16.88 15.07 -0.18
N VAL A 168 17.02 14.21 0.82
CA VAL A 168 15.95 14.01 1.79
C VAL A 168 15.56 15.33 2.44
N TRP A 169 16.57 16.15 2.69
CA TRP A 169 16.39 17.40 3.40
C TRP A 169 15.61 18.42 2.59
N ALA A 170 15.43 18.13 1.30
CA ALA A 170 14.75 19.02 0.36
C ALA A 170 13.29 18.67 0.12
N ILE A 171 12.85 17.52 0.61
CA ILE A 171 11.50 17.05 0.34
C ILE A 171 10.49 17.64 1.32
N GLY A 172 9.52 18.37 0.79
CA GLY A 172 8.44 18.90 1.61
C GLY A 172 8.80 20.07 2.52
N THR A 173 10.08 20.47 2.52
CA THR A 173 10.61 21.42 3.48
C THR A 173 10.78 22.83 2.94
N GLY A 174 10.62 22.95 1.62
CA GLY A 174 10.87 24.21 0.92
C GLY A 174 12.34 24.49 0.74
N LYS A 175 13.19 23.63 1.29
CA LYS A 175 14.63 23.83 1.23
C LYS A 175 15.17 23.17 -0.03
N THR A 176 14.79 23.71 -1.17
CA THR A 176 15.19 23.05 -2.40
C THR A 176 16.69 23.21 -2.66
N ALA A 177 17.30 22.17 -3.23
CA ALA A 177 18.69 22.26 -3.61
C ALA A 177 18.89 23.40 -4.61
N SER A 178 20.05 24.06 -4.52
CA SER A 178 20.34 25.11 -5.49
C SER A 178 20.60 24.44 -6.83
N PRO A 179 20.49 25.20 -7.93
CA PRO A 179 20.77 24.57 -9.22
C PRO A 179 22.20 24.04 -9.27
N GLU A 180 23.13 24.74 -8.62
CA GLU A 180 24.51 24.28 -8.56
C GLU A 180 24.67 22.97 -7.80
N GLN A 181 24.00 22.85 -6.65
CA GLN A 181 24.04 21.61 -5.88
C GLN A 181 23.42 20.46 -6.64
N ALA A 182 22.28 20.70 -7.28
CA ALA A 182 21.63 19.63 -8.02
C ALA A 182 22.48 19.26 -9.24
N GLN A 183 22.91 20.24 -10.01
CA GLN A 183 23.73 19.94 -11.19
C GLN A 183 24.95 19.09 -10.83
N GLU A 184 25.61 19.43 -9.73
CA GLU A 184 26.81 18.69 -9.31
C GLU A 184 26.54 17.19 -9.15
N VAL A 185 25.48 16.84 -8.42
CA VAL A 185 25.12 15.44 -8.22
C VAL A 185 24.70 14.75 -9.51
N HIS A 186 23.85 15.42 -10.29
CA HIS A 186 23.39 14.84 -11.55
C HIS A 186 24.56 14.50 -12.47
N ALA A 187 25.52 15.42 -12.60
CA ALA A 187 26.73 15.13 -13.36
C ALA A 187 27.53 13.96 -12.78
N ASP A 188 27.62 13.87 -11.45
CA ASP A 188 28.33 12.74 -10.84
C ASP A 188 27.61 11.45 -11.21
N LEU A 189 26.29 11.47 -11.11
CA LEU A 189 25.49 10.29 -11.41
C LEU A 189 25.63 9.93 -12.89
N ARG A 190 25.70 10.93 -13.75
CA ARG A 190 25.77 10.62 -15.19
C ARG A 190 27.12 9.99 -15.53
N GLN A 191 28.19 10.45 -14.90
CA GLN A 191 29.46 9.76 -15.11
C GLN A 191 29.44 8.39 -14.43
N TRP A 192 28.73 8.27 -13.32
CA TRP A 192 28.64 6.97 -12.68
C TRP A 192 28.04 5.99 -13.67
N LEU A 193 27.06 6.45 -14.45
CA LEU A 193 26.45 5.59 -15.46
C LEU A 193 27.46 5.22 -16.56
N ARG A 194 28.31 6.16 -16.95
CA ARG A 194 29.32 5.86 -17.97
C ARG A 194 30.32 4.82 -17.47
N ASP A 195 30.83 5.05 -16.26
CA ASP A 195 31.83 4.17 -15.68
C ASP A 195 31.29 2.77 -15.34
N ASN A 196 30.03 2.70 -14.90
CA ASN A 196 29.46 1.42 -14.49
C ASN A 196 28.63 0.68 -15.54
N VAL A 197 28.14 1.40 -16.55
CA VAL A 197 27.39 0.77 -17.62
C VAL A 197 28.07 1.06 -18.95
N ASN A 198 27.67 2.15 -19.60
CA ASN A 198 28.37 2.63 -20.79
C ASN A 198 27.95 4.05 -21.17
N ALA A 199 28.58 4.61 -22.19
CA ALA A 199 28.31 6.00 -22.53
C ALA A 199 26.91 6.22 -23.11
N GLU A 200 26.43 5.25 -23.91
CA GLU A 200 25.09 5.34 -24.49
C GLU A 200 24.05 5.45 -23.40
N VAL A 201 24.17 4.56 -22.42
CA VAL A 201 23.23 4.58 -21.30
C VAL A 201 23.35 5.88 -20.53
N ALA A 202 24.59 6.35 -20.31
CA ALA A 202 24.80 7.59 -19.56
C ALA A 202 24.20 8.81 -20.26
N GLU A 203 24.27 8.82 -21.57
CA GLU A 203 23.85 9.95 -22.37
C GLU A 203 22.33 9.94 -22.64
N SER A 204 21.68 8.78 -22.48
CA SER A 204 20.24 8.69 -22.74
C SER A 204 19.32 8.58 -21.52
N THR A 205 19.87 8.21 -20.36
CA THR A 205 19.03 8.03 -19.18
C THR A 205 18.68 9.39 -18.58
N ARG A 206 17.39 9.66 -18.38
CA ARG A 206 16.97 10.89 -17.71
C ARG A 206 17.31 10.81 -16.23
N ILE A 207 17.86 11.91 -15.72
CA ILE A 207 18.07 12.05 -14.29
C ILE A 207 17.30 13.29 -13.87
N ILE A 208 16.26 13.09 -13.08
CA ILE A 208 15.40 14.19 -12.67
C ILE A 208 15.64 14.60 -11.24
N TYR A 209 15.37 15.88 -10.94
CA TYR A 209 15.54 16.39 -9.59
C TYR A 209 14.23 16.57 -8.85
N GLY A 210 14.23 16.24 -7.56
CA GLY A 210 13.05 16.46 -6.75
C GLY A 210 13.46 16.94 -5.37
N GLY A 211 12.57 17.68 -4.71
CA GLY A 211 12.89 18.27 -3.43
C GLY A 211 12.45 19.71 -3.39
N SER A 212 11.17 19.93 -3.13
CA SER A 212 10.59 21.27 -3.09
C SER A 212 10.75 22.06 -4.40
N VAL A 213 10.51 21.41 -5.53
CA VAL A 213 10.46 22.12 -6.81
C VAL A 213 9.16 22.93 -6.88
N SER A 214 9.25 24.18 -7.32
CA SER A 214 8.09 25.07 -7.43
C SER A 214 8.05 25.75 -8.80
N ALA A 215 6.96 26.45 -9.10
CA ALA A 215 6.91 27.19 -10.34
C ALA A 215 7.96 28.31 -10.31
N GLY A 216 8.27 28.78 -9.11
CA GLY A 216 9.21 29.89 -8.90
C GLY A 216 10.67 29.54 -9.07
N ASN A 217 11.03 28.30 -8.79
CA ASN A 217 12.44 27.91 -8.90
C ASN A 217 12.78 26.92 -10.00
N CYS A 218 11.77 26.46 -10.73
CA CYS A 218 11.98 25.36 -11.68
C CYS A 218 12.80 25.74 -12.92
N GLN A 219 12.66 26.98 -13.40
CA GLN A 219 13.38 27.39 -14.60
C GLN A 219 14.90 27.37 -14.40
N GLU A 220 15.35 27.88 -13.28
CA GLU A 220 16.78 27.93 -12.97
C GLU A 220 17.42 26.54 -12.80
N LEU A 221 16.68 25.60 -12.23
CA LEU A 221 17.14 24.20 -12.15
C LEU A 221 17.14 23.51 -13.53
N ALA A 222 16.11 23.75 -14.34
CA ALA A 222 15.98 23.07 -15.63
C ALA A 222 17.07 23.43 -16.63
N LYS A 223 17.57 24.66 -16.51
CA LYS A 223 18.67 25.18 -17.32
C LYS A 223 19.89 24.28 -17.26
N LYS A 224 20.11 23.66 -16.11
CA LYS A 224 21.33 22.95 -15.85
C LYS A 224 21.50 21.75 -16.77
N GLY A 225 22.70 21.58 -17.30
CA GLY A 225 22.93 20.62 -18.37
C GLY A 225 22.62 19.16 -18.07
N ASP A 226 22.68 18.77 -16.80
CA ASP A 226 22.42 17.37 -16.47
C ASP A 226 21.11 17.12 -15.71
N ILE A 227 20.31 18.17 -15.55
CA ILE A 227 18.98 18.04 -14.94
C ILE A 227 17.89 17.91 -16.02
N ASP A 228 17.30 16.71 -16.09
CA ASP A 228 16.43 16.35 -17.19
C ASP A 228 14.94 16.50 -16.85
N GLY A 229 14.65 17.14 -15.73
CA GLY A 229 13.26 17.27 -15.33
C GLY A 229 13.12 17.16 -13.83
N PHE A 230 11.90 16.87 -13.38
CA PHE A 230 11.59 16.93 -11.95
C PHE A 230 10.64 15.85 -11.50
N LEU A 231 10.77 15.49 -10.23
CA LEU A 231 9.74 14.77 -9.49
C LEU A 231 9.18 15.76 -8.47
N VAL A 232 7.87 15.98 -8.55
CA VAL A 232 7.21 17.09 -7.89
C VAL A 232 6.12 16.60 -6.93
N GLY A 233 6.22 16.97 -5.66
CA GLY A 233 5.20 16.58 -4.69
C GLY A 233 4.14 17.64 -4.45
N GLY A 234 4.37 18.51 -3.47
CA GLY A 234 3.36 19.47 -3.07
C GLY A 234 2.84 20.30 -4.23
N ALA A 235 3.74 20.72 -5.11
CA ALA A 235 3.34 21.61 -6.21
C ALA A 235 2.53 20.89 -7.27
N ALA A 236 2.61 19.56 -7.28
CA ALA A 236 1.86 18.77 -8.26
C ALA A 236 0.34 18.84 -8.04
N LEU A 237 -0.07 19.22 -6.85
CA LEU A 237 -1.50 19.21 -6.51
C LEU A 237 -2.20 20.49 -6.93
N LYS A 238 -1.43 21.47 -7.37
CA LYS A 238 -1.94 22.80 -7.69
C LYS A 238 -1.70 23.12 -9.16
N PRO A 239 -2.45 24.10 -9.70
CA PRO A 239 -2.32 24.53 -11.09
C PRO A 239 -0.91 24.98 -11.49
N ASP A 240 -0.10 25.44 -10.53
CA ASP A 240 1.27 25.86 -10.81
C ASP A 240 2.09 24.73 -11.44
N PHE A 241 1.65 23.51 -11.20
CA PHE A 241 2.31 22.33 -11.75
C PHE A 241 2.51 22.50 -13.25
N VAL A 242 1.61 23.24 -13.90
CA VAL A 242 1.73 23.51 -15.33
C VAL A 242 3.03 24.24 -15.68
N GLN A 243 3.45 25.18 -14.83
CA GLN A 243 4.67 25.92 -15.09
C GLN A 243 5.91 25.03 -14.96
N ILE A 244 5.84 24.04 -14.08
CA ILE A 244 6.96 23.14 -13.86
C ILE A 244 7.13 22.17 -15.04
N ILE A 245 5.99 21.66 -15.49
CA ILE A 245 5.92 20.90 -16.74
C ILE A 245 6.57 21.71 -17.87
N ASN A 246 6.30 23.02 -17.89
CA ASN A 246 6.84 23.93 -18.91
C ASN A 246 8.12 24.69 -18.51
N ALA A 247 8.96 24.05 -17.70
CA ALA A 247 10.08 24.75 -17.11
C ALA A 247 11.15 25.12 -18.14
N ARG A 248 11.08 24.50 -19.32
CA ARG A 248 11.98 24.86 -20.41
C ARG A 248 11.25 25.69 -21.47
N ARG B 5 -24.68 -12.76 18.48
CA ARG B 5 -23.68 -12.25 17.55
C ARG B 5 -23.86 -12.81 16.14
N LYS B 6 -24.00 -11.92 15.15
CA LYS B 6 -24.19 -12.39 13.79
C LYS B 6 -22.90 -13.01 13.27
N PHE B 7 -23.01 -14.23 12.75
CA PHE B 7 -21.88 -14.93 12.13
C PHE B 7 -21.22 -13.99 11.12
N PHE B 8 -19.89 -13.92 11.18
CA PHE B 8 -19.16 -13.04 10.30
C PHE B 8 -18.06 -13.79 9.57
N VAL B 9 -18.08 -13.71 8.24
CA VAL B 9 -17.01 -14.33 7.46
C VAL B 9 -16.36 -13.35 6.51
N GLY B 10 -15.05 -13.15 6.68
CA GLY B 10 -14.31 -12.28 5.79
C GLY B 10 -13.36 -13.06 4.90
N GLY B 11 -13.23 -12.66 3.64
CA GLY B 11 -12.23 -13.29 2.78
C GLY B 11 -11.11 -12.33 2.42
N ASN B 12 -9.90 -12.65 2.88
CA ASN B 12 -8.71 -11.80 2.63
C ASN B 12 -7.95 -12.29 1.42
N TRP B 13 -8.10 -11.60 0.30
CA TRP B 13 -7.46 -12.03 -0.93
C TRP B 13 -5.96 -11.76 -0.97
N LYS B 14 -5.45 -11.05 0.03
CA LYS B 14 -4.05 -10.62 0.02
C LYS B 14 -3.64 -10.09 -1.33
N MET B 15 -2.39 -10.36 -1.70
CA MET B 15 -1.90 -9.82 -2.97
C MET B 15 -2.20 -10.81 -4.05
N ASN B 16 -3.49 -11.06 -4.26
CA ASN B 16 -3.98 -11.87 -5.37
C ASN B 16 -5.09 -11.19 -6.13
N GLY B 17 -5.02 -11.28 -7.45
CA GLY B 17 -6.14 -10.85 -8.27
C GLY B 17 -5.79 -9.99 -9.46
N ASP B 18 -6.66 -10.05 -10.46
CA ASP B 18 -6.78 -9.00 -11.48
C ASP B 18 -8.27 -8.93 -11.81
N LYS B 19 -8.67 -8.04 -12.71
CA LYS B 19 -10.10 -7.90 -13.00
C LYS B 19 -10.75 -9.25 -13.32
N ALA B 20 -10.11 -10.03 -14.19
CA ALA B 20 -10.65 -11.31 -14.61
C ALA B 20 -10.85 -12.31 -13.48
N ALA B 21 -9.86 -12.38 -12.60
CA ALA B 21 -9.92 -13.27 -11.45
C ALA B 21 -10.96 -12.82 -10.44
N ILE B 22 -11.05 -11.52 -10.20
CA ILE B 22 -12.09 -10.97 -9.33
C ILE B 22 -13.49 -11.23 -9.90
N ASP B 23 -13.61 -11.16 -11.22
CA ASP B 23 -14.87 -11.51 -11.90
C ASP B 23 -15.27 -12.94 -11.54
N GLY B 24 -14.31 -13.85 -11.58
CA GLY B 24 -14.53 -15.24 -11.20
C GLY B 24 -15.00 -15.44 -9.77
N ILE B 25 -14.35 -14.76 -8.81
CA ILE B 25 -14.78 -14.80 -7.42
C ILE B 25 -16.21 -14.27 -7.28
N ILE B 26 -16.49 -13.15 -7.94
CA ILE B 26 -17.83 -12.57 -7.87
C ILE B 26 -18.85 -13.55 -8.45
N SER B 27 -18.49 -14.23 -9.52
CA SER B 27 -19.43 -15.14 -10.17
C SER B 27 -19.83 -16.27 -9.23
N PHE B 28 -18.88 -16.80 -8.47
CA PHE B 28 -19.26 -17.90 -7.58
C PHE B 28 -19.93 -17.41 -6.29
N MET B 29 -19.65 -16.17 -5.89
CA MET B 29 -20.34 -15.58 -4.74
C MET B 29 -21.80 -15.20 -5.09
N LYS B 30 -22.09 -14.87 -6.34
CA LYS B 30 -23.44 -14.59 -6.84
C LYS B 30 -24.30 -15.87 -6.93
N THR B 31 -23.69 -16.94 -7.32
CA THR B 31 -24.34 -18.21 -7.42
C THR B 31 -24.71 -18.67 -6.02
N GLY B 32 -23.79 -18.58 -5.12
CA GLY B 32 -24.05 -18.98 -3.77
C GLY B 32 -24.32 -20.46 -3.66
N PRO B 33 -25.23 -20.83 -2.77
CA PRO B 33 -26.11 -19.96 -2.00
C PRO B 33 -25.47 -19.39 -0.74
N LEU B 34 -25.69 -18.10 -0.48
CA LEU B 34 -25.12 -17.46 0.71
C LEU B 34 -26.16 -17.22 1.81
N SER B 35 -25.90 -17.78 2.99
CA SER B 35 -26.77 -17.58 4.15
C SER B 35 -27.02 -16.11 4.43
N PRO B 36 -28.30 -15.73 4.61
CA PRO B 36 -28.65 -14.36 4.97
C PRO B 36 -28.17 -14.06 6.39
N ASN B 37 -27.84 -15.12 7.12
CA ASN B 37 -27.40 -14.98 8.50
C ASN B 37 -25.89 -14.88 8.67
N THR B 38 -25.18 -14.68 7.57
CA THR B 38 -23.74 -14.41 7.64
C THR B 38 -23.42 -13.05 7.03
N GLU B 39 -22.77 -12.21 7.82
CA GLU B 39 -22.27 -10.91 7.34
C GLU B 39 -20.95 -11.20 6.63
N VAL B 40 -20.90 -10.97 5.33
CA VAL B 40 -19.72 -11.35 4.54
C VAL B 40 -18.95 -10.14 4.06
N VAL B 41 -17.63 -10.16 4.21
CA VAL B 41 -16.78 -9.11 3.66
C VAL B 41 -15.60 -9.71 2.91
N VAL B 42 -15.16 -9.04 1.84
CA VAL B 42 -13.96 -9.44 1.15
C VAL B 42 -12.95 -8.30 1.14
N GLY B 43 -11.71 -8.64 1.41
CA GLY B 43 -10.62 -7.68 1.38
C GLY B 43 -9.82 -7.87 0.10
N CYS B 44 -9.89 -6.88 -0.79
CA CYS B 44 -9.19 -6.94 -2.07
C CYS B 44 -7.91 -6.12 -2.04
N PRO B 45 -7.02 -6.32 -3.03
CA PRO B 45 -5.81 -5.50 -3.08
C PRO B 45 -6.16 -4.01 -3.17
N GLN B 46 -5.22 -3.14 -2.79
CA GLN B 46 -5.45 -1.71 -2.67
C GLN B 46 -5.96 -1.08 -3.95
N CYS B 47 -5.47 -1.56 -5.08
CA CYS B 47 -5.80 -0.97 -6.38
C CYS B 47 -7.13 -1.47 -6.96
N TYR B 48 -7.85 -2.33 -6.23
CA TYR B 48 -9.09 -2.87 -6.77
C TYR B 48 -10.32 -2.53 -5.92
N LEU B 49 -10.18 -1.61 -4.95
CA LEU B 49 -11.30 -1.24 -4.09
C LEU B 49 -12.53 -0.81 -4.88
N MET B 50 -12.35 0.18 -5.76
CA MET B 50 -13.45 0.71 -6.55
C MET B 50 -14.00 -0.33 -7.54
N TYR B 51 -13.11 -1.08 -8.20
CA TYR B 51 -13.53 -2.14 -9.11
C TYR B 51 -14.32 -3.27 -8.44
N THR B 52 -13.83 -3.76 -7.31
CA THR B 52 -14.52 -4.83 -6.58
C THR B 52 -15.88 -4.33 -6.07
N ARG B 53 -15.92 -3.12 -5.52
CA ARG B 53 -17.18 -2.57 -5.00
C ARG B 53 -18.23 -2.46 -6.11
N GLU B 54 -17.77 -2.05 -7.30
CA GLU B 54 -18.68 -1.82 -8.41
C GLU B 54 -19.30 -3.10 -8.98
N HIS B 55 -18.54 -4.20 -8.93
CA HIS B 55 -18.96 -5.45 -9.56
C HIS B 55 -19.48 -6.51 -8.57
N MET B 56 -19.05 -6.41 -7.31
CA MET B 56 -19.53 -7.34 -6.28
C MET B 56 -20.89 -6.88 -5.79
N PRO B 57 -21.86 -7.80 -5.75
CA PRO B 57 -23.18 -7.43 -5.22
C PRO B 57 -23.05 -6.71 -3.87
N ALA B 58 -23.92 -5.73 -3.60
CA ALA B 58 -23.72 -4.84 -2.44
C ALA B 58 -24.12 -5.41 -1.08
N ASN B 59 -24.68 -6.63 -1.08
CA ASN B 59 -24.93 -7.33 0.18
C ASN B 59 -23.60 -7.81 0.77
N ILE B 60 -22.54 -7.75 -0.04
CA ILE B 60 -21.21 -8.15 0.38
C ILE B 60 -20.34 -6.93 0.65
N GLY B 61 -19.69 -6.89 1.80
CA GLY B 61 -18.87 -5.73 2.15
C GLY B 61 -17.51 -5.78 1.50
N ILE B 62 -16.93 -4.61 1.21
CA ILE B 62 -15.54 -4.55 0.71
C ILE B 62 -14.61 -3.95 1.75
N ALA B 63 -13.48 -4.62 1.99
CA ALA B 63 -12.48 -4.10 2.92
C ALA B 63 -11.18 -3.79 2.20
N ALA B 64 -10.55 -2.68 2.59
CA ALA B 64 -9.18 -2.38 2.20
C ALA B 64 -8.33 -3.30 3.04
N GLN B 65 -7.16 -3.66 2.53
CA GLN B 65 -6.25 -4.54 3.25
C GLN B 65 -5.27 -3.80 4.16
N ASN B 66 -5.26 -2.48 4.09
CA ASN B 66 -4.39 -1.64 4.91
C ASN B 66 -4.79 -0.21 4.67
N CYS B 67 -4.43 0.69 5.59
CA CYS B 67 -4.59 2.13 5.40
C CYS B 67 -3.65 2.83 6.39
N TYR B 68 -3.44 4.13 6.22
CA TYR B 68 -2.60 4.87 7.16
C TYR B 68 -3.43 5.62 8.20
N LYS B 69 -2.75 6.40 9.05
CA LYS B 69 -3.34 6.96 10.26
C LYS B 69 -3.72 8.45 10.22
N VAL B 70 -3.68 9.06 9.03
CA VAL B 70 -4.19 10.43 8.84
C VAL B 70 -4.93 10.49 7.51
N ALA B 71 -5.71 11.53 7.29
CA ALA B 71 -6.61 11.54 6.12
C ALA B 71 -5.87 11.82 4.80
N LYS B 72 -4.72 12.48 4.92
CA LYS B 72 -3.89 12.85 3.78
C LYS B 72 -2.48 13.21 4.26
N GLY B 73 -1.51 13.24 3.36
CA GLY B 73 -0.18 13.65 3.79
C GLY B 73 0.96 13.05 3.01
N ALA B 74 2.17 13.27 3.51
CA ALA B 74 3.38 12.94 2.74
C ALA B 74 3.80 11.51 2.97
N PHE B 75 3.02 10.58 2.43
CA PHE B 75 3.22 9.17 2.69
C PHE B 75 3.01 8.41 1.40
N THR B 76 3.97 8.55 0.51
CA THR B 76 3.94 7.85 -0.76
C THR B 76 3.67 6.36 -0.57
N GLY B 77 2.69 5.83 -1.31
CA GLY B 77 2.40 4.41 -1.28
C GLY B 77 1.29 4.03 -0.33
N GLU B 78 0.82 5.00 0.46
CA GLU B 78 -0.24 4.74 1.41
C GLU B 78 -1.60 5.20 0.93
N ILE B 79 -2.67 4.65 1.50
CA ILE B 79 -4.01 5.20 1.30
C ILE B 79 -4.66 5.48 2.66
N SER B 80 -5.64 6.38 2.68
CA SER B 80 -6.29 6.77 3.94
C SER B 80 -7.71 6.22 4.02
N PRO B 81 -8.29 6.17 5.24
CA PRO B 81 -9.70 5.79 5.35
C PRO B 81 -10.62 6.66 4.48
N ALA B 82 -10.31 7.96 4.33
CA ALA B 82 -11.14 8.82 3.49
C ALA B 82 -11.13 8.34 2.05
N MET B 83 -10.00 7.77 1.62
CA MET B 83 -9.95 7.24 0.27
C MET B 83 -10.74 5.94 0.17
N VAL B 84 -10.65 5.09 1.20
CA VAL B 84 -11.41 3.84 1.21
C VAL B 84 -12.91 4.15 1.07
N LYS B 85 -13.36 5.16 1.83
CA LYS B 85 -14.77 5.60 1.77
C LYS B 85 -15.12 6.17 0.41
N ASP B 86 -14.20 6.91 -0.19
CA ASP B 86 -14.43 7.52 -1.49
C ASP B 86 -14.62 6.43 -2.54
N CYS B 87 -13.93 5.31 -2.33
CA CYS B 87 -13.98 4.18 -3.25
C CYS B 87 -15.24 3.35 -3.07
N GLY B 88 -16.10 3.76 -2.13
CA GLY B 88 -17.39 3.09 -1.94
C GLY B 88 -17.35 1.91 -0.98
N CYS B 89 -16.25 1.77 -0.26
CA CYS B 89 -16.02 0.64 0.65
C CYS B 89 -16.10 1.05 2.12
N GLU B 90 -16.59 0.15 2.96
CA GLU B 90 -16.82 0.47 4.38
C GLU B 90 -15.85 -0.17 5.37
N TRP B 91 -15.08 -1.16 4.94
CA TRP B 91 -14.21 -1.87 5.87
C TRP B 91 -12.71 -1.70 5.62
N VAL B 92 -11.91 -1.96 6.65
CA VAL B 92 -10.46 -2.10 6.54
C VAL B 92 -9.93 -3.17 7.50
N ILE B 93 -9.02 -4.00 7.00
CA ILE B 93 -8.30 -4.95 7.83
C ILE B 93 -7.03 -4.26 8.31
N LEU B 94 -6.79 -4.26 9.62
CA LEU B 94 -5.63 -3.61 10.18
C LEU B 94 -4.84 -4.54 11.08
N GLY B 95 -3.51 -4.43 11.00
CA GLY B 95 -2.63 -5.18 11.88
C GLY B 95 -2.52 -6.64 11.51
N HIS B 96 -2.79 -6.97 10.24
CA HIS B 96 -2.68 -8.35 9.82
C HIS B 96 -1.27 -8.85 10.03
N SER B 97 -1.15 -10.14 10.35
CA SER B 97 0.16 -10.76 10.59
C SER B 97 1.16 -10.38 9.51
N GLU B 98 0.70 -10.35 8.27
CA GLU B 98 1.62 -10.12 7.15
C GLU B 98 2.17 -8.69 7.18
N ARG B 99 1.37 -7.74 7.67
CA ARG B 99 1.88 -6.37 7.88
C ARG B 99 2.77 -6.28 9.13
N ARG B 100 2.39 -6.97 10.20
CA ARG B 100 3.22 -6.96 11.41
C ARG B 100 4.59 -7.60 11.14
N ASN B 101 4.60 -8.72 10.43
CA ASN B 101 5.77 -9.60 10.41
C ASN B 101 6.60 -9.60 9.13
N VAL B 102 6.02 -9.13 8.03
CA VAL B 102 6.78 -8.90 6.81
C VAL B 102 7.18 -7.42 6.72
N PHE B 103 6.27 -6.54 7.12
CA PHE B 103 6.49 -5.11 6.98
C PHE B 103 6.69 -4.40 8.31
N GLY B 104 6.85 -5.21 9.36
CA GLY B 104 7.26 -4.75 10.68
C GLY B 104 6.42 -3.69 11.37
N GLU B 105 5.13 -3.63 11.06
CA GLU B 105 4.25 -2.67 11.72
C GLU B 105 4.11 -3.01 13.19
N PRO B 106 4.39 -2.03 14.07
CA PRO B 106 4.31 -2.23 15.52
C PRO B 106 2.89 -2.03 16.05
N ASP B 107 2.65 -2.55 17.25
CA ASP B 107 1.37 -2.44 17.84
C ASP B 107 0.89 -0.95 17.95
N GLN B 108 1.77 -0.07 18.36
CA GLN B 108 1.38 1.32 18.52
C GLN B 108 0.80 1.93 17.24
N LEU B 109 1.42 1.57 16.14
CA LEU B 109 0.99 2.08 14.85
C LEU B 109 -0.34 1.51 14.45
N ILE B 110 -0.45 0.20 14.68
CA ILE B 110 -1.72 -0.45 14.35
C ILE B 110 -2.85 0.19 15.12
N SER B 111 -2.60 0.49 16.40
CA SER B 111 -3.60 1.09 17.25
C SER B 111 -4.00 2.47 16.73
N GLU B 112 -3.00 3.25 16.29
CA GLU B 112 -3.27 4.56 15.74
C GLU B 112 -4.07 4.44 14.44
N LYS B 113 -3.72 3.45 13.64
CA LYS B 113 -4.48 3.16 12.43
C LYS B 113 -5.96 2.87 12.75
N VAL B 114 -6.20 2.02 13.75
CA VAL B 114 -7.58 1.65 14.10
C VAL B 114 -8.34 2.87 14.57
N GLY B 115 -7.69 3.66 15.41
CA GLY B 115 -8.28 4.90 15.90
C GLY B 115 -8.75 5.79 14.78
N HIS B 116 -7.90 5.96 13.76
CA HIS B 116 -8.23 6.88 12.68
C HIS B 116 -9.27 6.31 11.73
N ALA B 117 -9.13 5.03 11.40
CA ALA B 117 -10.15 4.35 10.61
C ALA B 117 -11.53 4.51 11.23
N LEU B 118 -11.65 4.26 12.54
CA LEU B 118 -12.94 4.44 13.22
C LEU B 118 -13.41 5.91 13.19
N GLU B 119 -12.49 6.85 13.42
CA GLU B 119 -12.88 8.26 13.41
C GLU B 119 -13.45 8.65 12.05
N ALA B 120 -12.83 8.16 10.99
CA ALA B 120 -13.25 8.48 9.64
C ALA B 120 -14.52 7.71 9.24
N GLY B 121 -15.00 6.86 10.14
CA GLY B 121 -16.28 6.18 9.95
C GLY B 121 -16.25 4.83 9.24
N LEU B 122 -15.08 4.20 9.23
CA LEU B 122 -14.94 2.86 8.66
C LEU B 122 -15.30 1.82 9.70
N LYS B 123 -15.54 0.60 9.23
CA LYS B 123 -15.60 -0.53 10.11
C LYS B 123 -14.27 -1.25 9.98
N VAL B 124 -13.79 -1.79 11.09
CA VAL B 124 -12.42 -2.27 11.15
C VAL B 124 -12.34 -3.71 11.61
N ILE B 125 -11.43 -4.48 11.00
CA ILE B 125 -11.06 -5.78 11.52
C ILE B 125 -9.61 -5.75 12.03
N PRO B 126 -9.42 -5.44 13.32
CA PRO B 126 -8.07 -5.48 13.91
C PRO B 126 -7.66 -6.93 14.05
N CYS B 127 -6.44 -7.25 13.66
CA CYS B 127 -5.96 -8.62 13.79
C CYS B 127 -4.97 -8.74 14.93
N ILE B 128 -5.13 -9.79 15.73
CA ILE B 128 -4.20 -10.12 16.79
C ILE B 128 -3.85 -11.59 16.66
N GLY B 129 -2.91 -12.06 17.47
CA GLY B 129 -2.44 -13.44 17.33
C GLY B 129 -1.00 -13.67 17.77
N GLU B 130 -0.78 -14.82 18.39
CA GLU B 130 0.53 -15.19 18.91
C GLU B 130 1.37 -15.97 17.89
N LYS B 131 2.68 -15.98 18.12
CA LYS B 131 3.65 -16.73 17.32
C LYS B 131 3.85 -18.12 17.89
N LEU B 132 4.38 -19.04 17.07
CA LEU B 132 4.54 -20.42 17.54
C LEU B 132 5.28 -20.46 18.89
N GLU B 133 6.35 -19.67 19.00
CA GLU B 133 7.15 -19.64 20.23
C GLU B 133 6.31 -19.23 21.44
N ASP B 134 5.43 -18.26 21.26
CA ASP B 134 4.54 -17.81 22.32
C ASP B 134 3.63 -18.97 22.77
N ARG B 135 3.03 -19.64 21.79
CA ARG B 135 2.13 -20.77 22.04
C ARG B 135 2.84 -21.96 22.72
N GLU B 136 4.00 -22.37 22.20
CA GLU B 136 4.79 -23.43 22.82
C GLU B 136 5.27 -23.04 24.22
N GLY B 137 5.60 -21.76 24.40
CA GLY B 137 6.10 -21.26 25.67
C GLY B 137 5.00 -20.94 26.67
N ASN B 138 3.79 -21.32 26.36
CA ASN B 138 2.73 -21.09 27.30
C ASN B 138 2.35 -19.67 27.60
N ARG B 139 2.57 -18.79 26.62
CA ARG B 139 2.24 -17.39 26.82
C ARG B 139 1.31 -16.77 25.79
N THR B 140 0.51 -17.58 25.17
CA THR B 140 -0.49 -17.11 24.24
C THR B 140 -1.31 -15.99 24.84
N GLN B 141 -1.90 -16.27 26.00
CA GLN B 141 -2.80 -15.30 26.62
C GLN B 141 -2.14 -13.97 26.91
N GLU B 142 -0.97 -13.98 27.53
CA GLU B 142 -0.25 -12.74 27.79
C GLU B 142 -0.03 -11.96 26.50
N VAL B 143 0.30 -12.68 25.42
CA VAL B 143 0.58 -12.03 24.14
C VAL B 143 -0.66 -11.38 23.52
N VAL B 144 -1.76 -12.12 23.40
CA VAL B 144 -2.97 -11.55 22.82
C VAL B 144 -3.67 -10.51 23.74
N PHE B 145 -3.44 -10.60 25.05
CA PHE B 145 -3.94 -9.55 25.97
C PHE B 145 -3.16 -8.24 25.83
N ALA B 146 -1.85 -8.35 25.64
CA ALA B 146 -1.03 -7.16 25.41
C ALA B 146 -1.43 -6.50 24.10
N GLN B 147 -1.65 -7.32 23.07
CA GLN B 147 -2.10 -6.83 21.78
C GLN B 147 -3.43 -6.08 21.92
N MET B 148 -4.37 -6.63 22.68
CA MET B 148 -5.65 -5.95 22.91
C MET B 148 -5.44 -4.66 23.70
N LYS B 149 -4.61 -4.73 24.73
CA LYS B 149 -4.36 -3.55 25.55
C LYS B 149 -3.81 -2.42 24.69
N ALA B 150 -2.98 -2.77 23.71
CA ALA B 150 -2.39 -1.80 22.81
C ALA B 150 -3.48 -1.10 21.98
N LEU B 151 -4.46 -1.89 21.54
CA LEU B 151 -5.56 -1.37 20.73
C LEU B 151 -6.54 -0.51 21.54
N LEU B 152 -6.75 -0.90 22.79
CA LEU B 152 -7.90 -0.41 23.57
C LEU B 152 -8.13 1.11 23.52
N PRO B 153 -7.05 1.89 23.70
CA PRO B 153 -7.20 3.35 23.78
C PRO B 153 -7.86 3.91 22.53
N ASN B 154 -7.70 3.20 21.41
CA ASN B 154 -8.16 3.70 20.13
C ASN B 154 -9.42 3.06 19.57
N ILE B 155 -10.02 2.17 20.34
CA ILE B 155 -11.28 1.59 19.89
C ILE B 155 -12.43 2.45 20.40
N SER B 156 -12.84 3.40 19.54
CA SER B 156 -13.78 4.45 19.91
C SER B 156 -15.21 4.07 19.61
N ASP B 157 -15.40 2.90 19.03
CA ASP B 157 -16.75 2.41 18.75
C ASP B 157 -16.73 0.89 18.57
N TRP B 158 -17.14 0.16 19.61
CA TRP B 158 -17.09 -1.30 19.54
C TRP B 158 -18.09 -1.87 18.56
N SER B 159 -19.14 -1.12 18.26
CA SER B 159 -20.16 -1.58 17.31
C SER B 159 -19.62 -1.71 15.88
N ARG B 160 -18.47 -1.09 15.62
CA ARG B 160 -17.90 -1.12 14.27
C ARG B 160 -16.57 -1.88 14.23
N VAL B 161 -16.39 -2.77 15.18
CA VAL B 161 -15.18 -3.56 15.26
C VAL B 161 -15.50 -5.07 15.20
N VAL B 162 -14.76 -5.81 14.39
CA VAL B 162 -14.74 -7.26 14.48
C VAL B 162 -13.31 -7.69 14.73
N LEU B 163 -13.05 -8.33 15.88
CA LEU B 163 -11.69 -8.80 16.17
C LEU B 163 -11.38 -10.13 15.48
N ALA B 164 -10.20 -10.19 14.87
CA ALA B 164 -9.75 -11.43 14.24
C ALA B 164 -8.57 -12.02 15.00
N TYR B 165 -8.75 -13.21 15.56
CA TYR B 165 -7.67 -13.94 16.17
C TYR B 165 -7.08 -14.93 15.17
N GLU B 166 -5.81 -14.73 14.82
CA GLU B 166 -5.10 -15.56 13.86
C GLU B 166 -3.73 -15.98 14.37
N PRO B 167 -3.60 -17.21 14.87
CA PRO B 167 -2.28 -17.67 15.30
C PRO B 167 -1.31 -17.50 14.12
N VAL B 168 -0.19 -16.80 14.32
CA VAL B 168 0.73 -16.59 13.21
C VAL B 168 1.13 -17.92 12.59
N TRP B 169 1.30 -18.95 13.42
CA TRP B 169 1.71 -20.28 12.96
C TRP B 169 0.65 -20.99 12.10
N ALA B 170 -0.57 -20.46 12.10
CA ALA B 170 -1.68 -21.09 11.41
C ALA B 170 -1.97 -20.43 10.05
N ILE B 171 -1.31 -19.33 9.76
CA ILE B 171 -1.64 -18.58 8.54
C ILE B 171 -0.85 -19.10 7.35
N GLY B 172 -1.57 -19.69 6.39
CA GLY B 172 -1.03 -20.11 5.11
C GLY B 172 -0.25 -21.42 5.13
N THR B 173 -0.12 -21.98 6.34
CA THR B 173 0.71 -23.15 6.59
C THR B 173 -0.10 -24.43 6.58
N GLY B 174 -1.42 -24.30 6.68
CA GLY B 174 -2.29 -25.47 6.78
C GLY B 174 -2.35 -25.96 8.21
N LYS B 175 -1.55 -25.37 9.08
CA LYS B 175 -1.53 -25.74 10.47
C LYS B 175 -2.66 -25.09 11.22
N THR B 176 -3.87 -25.44 10.85
CA THR B 176 -5.01 -24.85 11.51
C THR B 176 -5.05 -25.09 13.02
N ALA B 177 -5.56 -24.10 13.74
CA ALA B 177 -5.74 -24.33 15.18
C ALA B 177 -6.92 -25.33 15.42
N SER B 178 -6.80 -26.17 16.43
CA SER B 178 -7.87 -27.11 16.71
C SER B 178 -9.05 -26.31 17.21
N PRO B 179 -10.27 -26.84 17.05
CA PRO B 179 -11.42 -26.13 17.59
C PRO B 179 -11.19 -25.70 19.04
N GLU B 180 -10.51 -26.55 19.82
CA GLU B 180 -10.21 -26.26 21.21
C GLU B 180 -9.18 -25.14 21.43
N GLN B 181 -8.09 -25.19 20.66
CA GLN B 181 -7.10 -24.12 20.76
C GLN B 181 -7.73 -22.77 20.46
N ALA B 182 -8.54 -22.73 19.41
CA ALA B 182 -9.18 -21.48 19.01
C ALA B 182 -10.23 -21.03 20.03
N GLN B 183 -11.16 -21.92 20.37
CA GLN B 183 -12.17 -21.59 21.38
C GLN B 183 -11.57 -21.06 22.70
N GLU B 184 -10.51 -21.70 23.18
CA GLU B 184 -9.91 -21.29 24.44
C GLU B 184 -9.47 -19.81 24.38
N VAL B 185 -8.87 -19.43 23.24
CA VAL B 185 -8.40 -18.06 23.07
C VAL B 185 -9.59 -17.11 22.95
N HIS B 186 -10.55 -17.50 22.12
CA HIS B 186 -11.77 -16.69 21.97
C HIS B 186 -12.49 -16.48 23.32
N ALA B 187 -12.62 -17.55 24.10
CA ALA B 187 -13.22 -17.36 25.43
C ALA B 187 -12.40 -16.40 26.33
N ASP B 188 -11.08 -16.48 26.26
CA ASP B 188 -10.22 -15.58 27.05
C ASP B 188 -10.40 -14.09 26.63
N LEU B 189 -10.37 -13.86 25.31
CA LEU B 189 -10.54 -12.53 24.73
C LEU B 189 -11.88 -11.94 25.15
N ARG B 190 -12.93 -12.78 25.14
CA ARG B 190 -14.25 -12.31 25.54
C ARG B 190 -14.26 -11.90 27.01
N GLN B 191 -13.59 -12.69 27.85
CA GLN B 191 -13.45 -12.33 29.25
C GLN B 191 -12.61 -11.06 29.40
N TRP B 192 -11.62 -10.90 28.54
CA TRP B 192 -10.87 -9.65 28.50
C TRP B 192 -11.81 -8.46 28.25
N LEU B 193 -12.74 -8.64 27.32
CA LEU B 193 -13.69 -7.57 27.02
C LEU B 193 -14.58 -7.26 28.22
N ARG B 194 -15.01 -8.30 28.93
CA ARG B 194 -15.81 -8.07 30.12
C ARG B 194 -15.02 -7.26 31.15
N ASP B 195 -13.76 -7.63 31.34
CA ASP B 195 -12.92 -6.97 32.36
C ASP B 195 -12.43 -5.56 31.98
N ASN B 196 -12.21 -5.34 30.72
CA ASN B 196 -11.69 -4.05 30.30
C ASN B 196 -12.66 -3.02 29.67
N VAL B 197 -13.81 -3.51 29.24
CA VAL B 197 -14.85 -2.70 28.69
C VAL B 197 -16.09 -2.97 29.58
N ASN B 198 -16.97 -3.83 29.11
CA ASN B 198 -18.16 -4.16 29.87
C ASN B 198 -18.84 -5.47 29.36
N ALA B 199 -19.85 -5.95 30.06
CA ALA B 199 -20.52 -7.18 29.66
C ALA B 199 -21.26 -7.06 28.34
N GLU B 200 -21.84 -5.88 28.09
CA GLU B 200 -22.59 -5.67 26.85
C GLU B 200 -21.68 -5.76 25.63
N VAL B 201 -20.52 -5.10 25.69
CA VAL B 201 -19.56 -5.17 24.59
C VAL B 201 -19.01 -6.58 24.44
N ALA B 202 -18.70 -7.23 25.55
CA ALA B 202 -18.22 -8.62 25.51
C ALA B 202 -19.20 -9.55 24.76
N GLU B 203 -20.49 -9.44 25.04
CA GLU B 203 -21.48 -10.33 24.42
C GLU B 203 -21.74 -10.01 22.96
N SER B 204 -21.51 -8.77 22.56
CA SER B 204 -21.97 -8.35 21.24
C SER B 204 -20.85 -8.23 20.21
N THR B 205 -19.60 -8.24 20.66
CA THR B 205 -18.46 -8.11 19.75
C THR B 205 -18.10 -9.45 19.12
N ARG B 206 -18.08 -9.48 17.78
CA ARG B 206 -17.69 -10.69 17.07
C ARG B 206 -16.19 -10.91 17.22
N ILE B 207 -15.81 -12.13 17.60
CA ILE B 207 -14.42 -12.56 17.59
C ILE B 207 -14.31 -13.72 16.60
N ILE B 208 -13.54 -13.50 15.54
CA ILE B 208 -13.43 -14.46 14.45
C ILE B 208 -12.07 -15.13 14.40
N TYR B 209 -12.06 -16.36 13.90
CA TYR B 209 -10.83 -17.13 13.82
C TYR B 209 -10.28 -17.19 12.40
N GLY B 210 -8.97 -17.09 12.28
CA GLY B 210 -8.34 -17.23 10.97
C GLY B 210 -7.03 -17.96 11.10
N GLY B 211 -6.59 -18.57 9.99
CA GLY B 211 -5.39 -19.38 10.00
C GLY B 211 -5.77 -20.74 9.43
N SER B 212 -5.66 -20.87 8.12
CA SER B 212 -5.93 -22.12 7.40
C SER B 212 -7.31 -22.73 7.65
N VAL B 213 -8.33 -21.87 7.59
CA VAL B 213 -9.72 -22.35 7.58
C VAL B 213 -10.05 -22.90 6.20
N SER B 214 -10.63 -24.11 6.15
CA SER B 214 -11.05 -24.70 4.88
C SER B 214 -12.50 -25.15 4.94
N ALA B 215 -13.03 -25.61 3.82
CA ALA B 215 -14.38 -26.16 3.81
C ALA B 215 -14.38 -27.40 4.68
N GLY B 216 -13.24 -28.09 4.68
CA GLY B 216 -13.08 -29.34 5.41
C GLY B 216 -13.16 -29.20 6.92
N ASN B 217 -12.65 -28.10 7.46
CA ASN B 217 -12.56 -27.94 8.91
C ASN B 217 -13.44 -26.85 9.52
N CYS B 218 -14.14 -26.08 8.71
CA CYS B 218 -14.84 -24.91 9.25
C CYS B 218 -16.01 -25.26 10.15
N GLN B 219 -16.64 -26.42 9.93
CA GLN B 219 -17.82 -26.75 10.70
C GLN B 219 -17.45 -27.02 12.16
N GLU B 220 -16.38 -27.76 12.37
CA GLU B 220 -15.97 -28.06 13.75
C GLU B 220 -15.57 -26.78 14.49
N LEU B 221 -14.91 -25.86 13.80
CA LEU B 221 -14.57 -24.59 14.41
C LEU B 221 -15.80 -23.75 14.73
N ALA B 222 -16.72 -23.67 13.78
CA ALA B 222 -17.89 -22.81 13.90
C ALA B 222 -18.82 -23.23 15.03
N LYS B 223 -18.78 -24.53 15.36
CA LYS B 223 -19.61 -25.14 16.39
C LYS B 223 -19.31 -24.61 17.79
N LYS B 224 -18.12 -24.05 17.97
CA LYS B 224 -17.66 -23.59 19.26
C LYS B 224 -18.37 -22.31 19.69
N GLY B 225 -18.63 -22.19 20.99
CA GLY B 225 -19.49 -21.14 21.51
C GLY B 225 -19.00 -19.73 21.26
N ASP B 226 -17.69 -19.52 21.33
CA ASP B 226 -17.18 -18.16 21.26
C ASP B 226 -16.52 -17.82 19.93
N ILE B 227 -16.63 -18.74 18.97
CA ILE B 227 -16.09 -18.49 17.63
C ILE B 227 -17.20 -18.01 16.69
N ASP B 228 -17.15 -16.74 16.31
CA ASP B 228 -18.26 -16.05 15.64
C ASP B 228 -18.10 -15.93 14.14
N GLY B 229 -17.11 -16.62 13.58
CA GLY B 229 -16.85 -16.50 12.17
C GLY B 229 -15.38 -16.73 11.85
N PHE B 230 -14.99 -16.40 10.62
CA PHE B 230 -13.63 -16.69 10.15
C PHE B 230 -13.08 -15.51 9.39
N LEU B 231 -11.75 -15.43 9.32
CA LEU B 231 -11.08 -14.59 8.35
C LEU B 231 -10.31 -15.60 7.50
N VAL B 232 -10.63 -15.64 6.21
CA VAL B 232 -10.19 -16.73 5.35
C VAL B 232 -9.27 -16.21 4.26
N GLY B 233 -8.08 -16.80 4.14
CA GLY B 233 -7.14 -16.41 3.09
C GLY B 233 -7.21 -17.28 1.85
N GLY B 234 -6.41 -18.35 1.85
CA GLY B 234 -6.33 -19.23 0.70
C GLY B 234 -7.69 -19.69 0.20
N ALA B 235 -8.56 -20.09 1.13
CA ALA B 235 -9.78 -20.75 0.73
C ALA B 235 -10.77 -19.72 0.18
N ALA B 236 -10.45 -18.44 0.33
CA ALA B 236 -11.34 -17.38 -0.10
C ALA B 236 -11.30 -17.17 -1.62
N LEU B 237 -10.22 -17.66 -2.24
CA LEU B 237 -10.04 -17.48 -3.68
C LEU B 237 -10.77 -18.54 -4.49
N LYS B 238 -11.37 -19.52 -3.80
CA LYS B 238 -12.01 -20.64 -4.48
C LYS B 238 -13.47 -20.81 -4.06
N PRO B 239 -14.26 -21.51 -4.90
CA PRO B 239 -15.70 -21.64 -4.66
C PRO B 239 -15.99 -22.27 -3.31
N ASP B 240 -15.00 -22.99 -2.78
CA ASP B 240 -15.03 -23.52 -1.42
C ASP B 240 -15.53 -22.49 -0.40
N PHE B 241 -15.17 -21.23 -0.64
CA PHE B 241 -15.47 -20.14 0.27
C PHE B 241 -16.94 -20.10 0.67
N VAL B 242 -17.82 -20.46 -0.26
CA VAL B 242 -19.25 -20.46 0.01
C VAL B 242 -19.63 -21.40 1.17
N GLN B 243 -19.03 -22.56 1.19
CA GLN B 243 -19.32 -23.53 2.20
C GLN B 243 -18.84 -22.96 3.61
N ILE B 244 -17.78 -22.20 3.62
CA ILE B 244 -17.30 -21.56 4.86
C ILE B 244 -18.24 -20.46 5.35
N ILE B 245 -18.76 -19.66 4.43
CA ILE B 245 -19.77 -18.67 4.77
C ILE B 245 -20.96 -19.35 5.43
N ASN B 246 -21.21 -20.60 5.03
CA ASN B 246 -22.36 -21.37 5.52
C ASN B 246 -22.01 -22.36 6.63
N ALA B 247 -20.89 -22.14 7.30
CA ALA B 247 -20.39 -23.12 8.25
C ALA B 247 -21.22 -23.31 9.50
N ARG B 248 -21.93 -22.27 9.94
CA ARG B 248 -22.68 -22.39 11.20
C ARG B 248 -23.92 -23.27 11.05
P PGA C . 8.07 17.94 -2.67
O1P PGA C . 7.94 16.33 -2.87
O2P PGA C . 8.14 18.53 -4.04
O3P PGA C . 6.84 18.43 -1.93
O4P PGA C . 9.34 18.27 -1.91
C2 PGA C . 8.80 15.69 -3.79
C1 PGA C . 8.33 14.28 -3.99
O1 PGA C . 8.93 13.50 -4.78
O2 PGA C . 7.30 13.90 -3.40
P PGA D . -5.10 -18.44 5.41
O1P PGA D . -4.83 -16.86 5.63
O2P PGA D . -4.61 -18.76 4.01
O3P PGA D . -6.57 -18.72 5.53
O4P PGA D . -4.32 -19.20 6.45
C2 PGA D . -5.53 -16.22 6.67
C1 PGA D . -5.62 -14.73 6.45
O1 PGA D . -5.15 -14.21 5.41
O2 PGA D . -6.18 -13.99 7.28
#